data_3IBM
#
_entry.id   3IBM
#
_cell.length_a   47.791
_cell.length_b   51.734
_cell.length_c   117.784
_cell.angle_alpha   90.00
_cell.angle_beta   90.00
_cell.angle_gamma   90.00
#
_symmetry.space_group_name_H-M   'P 21 21 21'
#
loop_
_entity.id
_entity.type
_entity.pdbx_description
1 polymer 'Cupin 2, conserved barrel domain protein'
2 non-polymer 'ZINC ION'
3 non-polymer 'POTASSIUM ION'
4 non-polymer GLYCEROL
5 water water
#
_entity_poly.entity_id   1
_entity_poly.type   'polypeptide(L)'
_entity_poly.pdbx_seq_one_letter_code
;MSLSSGEHEASRVLRERDYRWEGTEEEAYKAEGTHFSGARRQTLVGRPAGQEAPAFETRYFEVEPGGYTTLERHEHTHVV
MVVRGHAEVVLDDRVEPLTPLDCVYIAPHAWHQIHATGANEPLGFLCIVDSDRDRPQRPDADDLARMCADPAVARRIRTE
GHHHHHH
;
_entity_poly.pdbx_strand_id   A,B
#
loop_
_chem_comp.id
_chem_comp.type
_chem_comp.name
_chem_comp.formula
GOL non-polymer GLYCEROL 'C3 H8 O3'
K non-polymer 'POTASSIUM ION' 'K 1'
ZN non-polymer 'ZINC ION' 'Zn 2'
#
# COMPACT_ATOMS: atom_id res chain seq x y z
N HIS A 8 20.97 7.41 -11.85
CA HIS A 8 20.07 6.46 -11.13
C HIS A 8 19.26 7.15 -10.03
N GLU A 9 18.11 6.55 -9.69
CA GLU A 9 17.15 7.17 -8.77
C GLU A 9 17.57 7.15 -7.30
N ALA A 10 17.12 8.15 -6.56
CA ALA A 10 17.38 8.25 -5.13
C ALA A 10 16.27 7.56 -4.33
N SER A 11 16.66 6.91 -3.23
CA SER A 11 15.68 6.43 -2.26
C SER A 11 15.10 7.64 -1.52
N ARG A 12 13.84 7.54 -1.13
CA ARG A 12 13.14 8.65 -0.48
C ARG A 12 12.43 8.19 0.79
N VAL A 13 12.59 8.96 1.85
CA VAL A 13 11.77 8.81 3.05
C VAL A 13 10.75 9.94 3.04
N LEU A 14 9.46 9.59 3.09
CA LEU A 14 8.38 10.56 3.22
C LEU A 14 7.71 10.36 4.57
N ARG A 15 8.09 11.19 5.53
CA ARG A 15 7.48 11.10 6.87
C ARG A 15 6.09 11.75 6.88
N GLU A 16 5.20 11.24 7.74
CA GLU A 16 3.81 11.65 7.73
C GLU A 16 3.43 12.27 9.07
N ARG A 17 2.60 13.29 9.04
CA ARG A 17 1.96 13.76 10.26
C ARG A 17 0.55 14.14 9.88
N ASP A 18 -0.43 13.63 10.65
CA ASP A 18 -1.85 13.92 10.46
C ASP A 18 -2.28 13.74 9.01
N TYR A 19 -1.84 12.64 8.39
CA TYR A 19 -2.22 12.26 7.02
C TYR A 19 -1.72 13.26 5.95
N ARG A 20 -0.58 13.88 6.25
CA ARG A 20 0.15 14.67 5.27
C ARG A 20 1.57 14.14 5.22
N TRP A 21 2.03 13.78 4.02
CA TRP A 21 3.39 13.28 3.85
C TRP A 21 4.28 14.40 3.35
N GLU A 22 5.43 14.57 4.00
CA GLU A 22 6.41 15.58 3.54
C GLU A 22 7.01 15.18 2.21
N GLY A 23 7.20 16.16 1.34
CA GLY A 23 7.76 15.91 0.01
C GLY A 23 6.70 15.80 -1.08
N THR A 24 5.43 15.76 -0.66
CA THR A 24 4.29 15.73 -1.58
C THR A 24 3.35 16.89 -1.23
N GLU A 25 2.54 17.31 -2.20
CA GLU A 25 1.52 18.34 -1.98
C GLU A 25 0.11 17.76 -2.09
N GLU A 26 -0.81 18.32 -1.32
CA GLU A 26 -2.22 17.96 -1.41
C GLU A 26 -2.83 18.68 -2.62
N GLU A 27 -3.38 17.90 -3.54
CA GLU A 27 -3.91 18.44 -4.79
C GLU A 27 -5.39 18.09 -4.98
N SER A 37 14.80 -14.21 13.64
CA SER A 37 14.97 -12.76 13.63
C SER A 37 14.16 -12.06 12.54
N GLY A 38 13.71 -12.84 11.56
CA GLY A 38 13.07 -12.31 10.35
C GLY A 38 11.65 -11.80 10.49
N ALA A 39 10.93 -11.75 9.37
CA ALA A 39 9.58 -11.19 9.34
C ALA A 39 8.50 -12.23 9.09
N ARG A 40 7.33 -12.01 9.69
CA ARG A 40 6.13 -12.79 9.40
C ARG A 40 5.30 -12.07 8.32
N ARG A 41 5.12 -12.75 7.21
CA ARG A 41 4.49 -12.16 6.02
C ARG A 41 3.01 -12.56 5.88
N GLN A 42 2.17 -11.57 5.57
CA GLN A 42 0.84 -11.86 5.04
C GLN A 42 0.73 -11.22 3.66
N THR A 43 0.53 -12.05 2.63
CA THR A 43 0.30 -11.52 1.29
C THR A 43 -1.16 -11.13 1.17
N LEU A 44 -1.39 -9.83 0.99
CA LEU A 44 -2.74 -9.32 0.97
C LEU A 44 -3.32 -9.43 -0.43
N VAL A 45 -2.57 -8.99 -1.43
CA VAL A 45 -3.01 -9.10 -2.82
C VAL A 45 -1.78 -9.57 -3.58
N GLY A 46 -1.85 -10.79 -4.12
CA GLY A 46 -0.70 -11.34 -4.81
C GLY A 46 -1.02 -12.51 -5.72
N ARG A 47 0.01 -12.93 -6.45
CA ARG A 47 -0.10 -14.06 -7.37
C ARG A 47 -0.45 -15.42 -6.75
N PRO A 48 0.16 -15.81 -5.60
CA PRO A 48 -0.22 -17.12 -5.06
C PRO A 48 -1.72 -17.34 -4.88
N ALA A 49 -2.41 -16.35 -4.30
CA ALA A 49 -3.87 -16.36 -4.13
C ALA A 49 -4.66 -16.19 -5.45
N GLY A 50 -3.97 -15.83 -6.53
CA GLY A 50 -4.59 -15.76 -7.84
C GLY A 50 -4.82 -14.35 -8.37
N GLN A 51 -4.26 -13.35 -7.71
CA GLN A 51 -4.32 -11.99 -8.26
C GLN A 51 -3.14 -11.75 -9.20
N GLU A 52 -3.31 -12.23 -10.44
CA GLU A 52 -2.28 -12.18 -11.48
C GLU A 52 -2.34 -10.88 -12.25
N ALA A 53 -3.52 -10.27 -12.28
CA ALA A 53 -3.74 -9.03 -13.02
C ALA A 53 -2.85 -7.81 -12.70
N PRO A 54 -2.63 -7.46 -11.40
CA PRO A 54 -1.80 -6.25 -11.16
C PRO A 54 -0.33 -6.44 -11.53
N ALA A 55 0.35 -5.32 -11.80
CA ALA A 55 1.79 -5.33 -12.09
C ALA A 55 2.61 -5.40 -10.81
N PHE A 56 1.91 -5.48 -9.67
CA PHE A 56 2.52 -5.38 -8.35
C PHE A 56 1.85 -6.33 -7.36
N GLU A 57 2.59 -6.68 -6.30
CA GLU A 57 2.08 -7.47 -5.18
C GLU A 57 2.16 -6.66 -3.90
N THR A 58 1.18 -6.87 -3.01
CA THR A 58 0.99 -6.08 -1.78
C THR A 58 1.00 -6.96 -0.54
N ARG A 59 1.99 -6.72 0.33
CA ARG A 59 2.21 -7.59 1.48
C ARG A 59 2.28 -6.78 2.75
N TYR A 60 1.95 -7.46 3.85
CA TYR A 60 2.18 -6.90 5.18
C TYR A 60 3.25 -7.76 5.80
N PHE A 61 4.26 -7.11 6.37
CA PHE A 61 5.29 -7.80 7.13
C PHE A 61 5.24 -7.38 8.59
N GLU A 62 5.44 -8.35 9.49
CA GLU A 62 5.57 -8.06 10.91
C GLU A 62 6.90 -8.58 11.46
N VAL A 63 7.62 -7.71 12.15
CA VAL A 63 8.92 -8.04 12.73
C VAL A 63 8.83 -7.87 14.25
N GLU A 64 9.21 -8.92 14.99
CA GLU A 64 9.22 -8.89 16.46
C GLU A 64 10.24 -7.87 16.96
N PRO A 65 9.97 -7.23 18.11
CA PRO A 65 10.91 -6.22 18.64
C PRO A 65 12.32 -6.77 18.76
N GLY A 66 13.28 -6.00 18.27
CA GLY A 66 14.69 -6.43 18.22
C GLY A 66 15.05 -7.18 16.95
N GLY A 67 14.04 -7.49 16.13
CA GLY A 67 14.23 -8.23 14.90
C GLY A 67 14.67 -7.37 13.73
N TYR A 68 14.99 -8.02 12.63
CA TYR A 68 15.45 -7.36 11.42
C TYR A 68 15.13 -8.21 10.19
N THR A 69 14.95 -7.53 9.06
CA THR A 69 14.87 -8.16 7.75
C THR A 69 16.30 -8.48 7.25
N THR A 70 16.41 -9.18 6.13
CA THR A 70 17.71 -9.52 5.57
C THR A 70 18.31 -8.31 4.85
N LEU A 71 19.54 -7.97 5.19
CA LEU A 71 20.28 -6.92 4.48
C LEU A 71 20.61 -7.39 3.06
N GLU A 72 20.14 -6.63 2.07
CA GLU A 72 20.15 -7.07 0.67
C GLU A 72 19.98 -5.89 -0.27
N ARG A 73 20.21 -6.14 -1.56
CA ARG A 73 19.90 -5.20 -2.61
C ARG A 73 19.37 -5.98 -3.81
N HIS A 74 18.65 -5.30 -4.70
CA HIS A 74 18.07 -5.92 -5.91
C HIS A 74 17.62 -4.82 -6.87
N GLU A 75 17.38 -5.17 -8.12
CA GLU A 75 16.96 -4.20 -9.13
C GLU A 75 15.54 -3.67 -8.86
N HIS A 76 14.65 -4.53 -8.37
CA HIS A 76 13.28 -4.12 -8.11
C HIS A 76 13.20 -3.20 -6.90
N THR A 77 12.17 -2.36 -6.88
CA THR A 77 12.01 -1.34 -5.85
C THR A 77 11.10 -1.83 -4.72
N HIS A 78 11.11 -1.12 -3.60
CA HIS A 78 10.11 -1.29 -2.56
C HIS A 78 9.41 0.03 -2.36
N VAL A 79 8.12 -0.06 -2.07
CA VAL A 79 7.42 1.04 -1.42
C VAL A 79 6.91 0.49 -0.11
N VAL A 80 7.35 1.09 0.99
CA VAL A 80 7.04 0.63 2.32
C VAL A 80 6.18 1.71 3.00
N MET A 81 5.12 1.30 3.69
CA MET A 81 4.43 2.21 4.62
C MET A 81 4.39 1.53 5.97
N VAL A 82 4.98 2.18 6.98
CA VAL A 82 4.94 1.64 8.34
C VAL A 82 3.51 1.84 8.89
N VAL A 83 2.90 0.79 9.41
CA VAL A 83 1.54 0.87 9.95
C VAL A 83 1.48 0.50 11.42
N ARG A 84 2.58 -0.04 11.95
CA ARG A 84 2.63 -0.49 13.34
C ARG A 84 4.03 -0.36 13.90
N GLY A 85 4.14 0.20 15.10
CA GLY A 85 5.40 0.20 15.85
C GLY A 85 6.44 1.20 15.37
N HIS A 86 7.70 0.90 15.66
CA HIS A 86 8.79 1.81 15.31
C HIS A 86 9.82 1.05 14.49
N ALA A 87 10.41 1.74 13.52
CA ALA A 87 11.41 1.14 12.66
C ALA A 87 12.65 2.01 12.54
N GLU A 88 13.78 1.36 12.26
CA GLU A 88 14.94 2.02 11.71
C GLU A 88 15.33 1.30 10.45
N VAL A 89 15.40 2.04 9.35
CA VAL A 89 15.77 1.46 8.07
C VAL A 89 17.16 1.93 7.61
N VAL A 90 17.97 0.97 7.15
CA VAL A 90 19.22 1.23 6.46
C VAL A 90 18.89 1.42 4.99
N LEU A 91 19.27 2.58 4.44
CA LEU A 91 19.12 2.85 3.00
C LEU A 91 20.44 3.34 2.46
N ASP A 92 21.22 2.40 1.93
CA ASP A 92 22.64 2.59 1.60
C ASP A 92 23.39 3.17 2.80
N ASP A 93 23.80 4.43 2.70
CA ASP A 93 24.64 5.09 3.71
C ASP A 93 23.87 5.80 4.84
N ARG A 94 22.55 5.62 4.89
CA ARG A 94 21.69 6.31 5.86
C ARG A 94 20.99 5.34 6.80
N VAL A 95 20.77 5.77 8.05
CA VAL A 95 19.91 5.07 8.98
C VAL A 95 18.77 6.01 9.35
N GLU A 96 17.54 5.58 9.04
CA GLU A 96 16.36 6.44 9.13
C GLU A 96 15.30 5.88 10.07
N PRO A 97 14.97 6.63 11.14
CA PRO A 97 13.85 6.28 12.03
C PRO A 97 12.49 6.43 11.33
N LEU A 98 11.57 5.51 11.63
CA LEU A 98 10.23 5.51 11.02
C LEU A 98 9.16 5.19 12.05
N THR A 99 8.00 5.82 11.91
CA THR A 99 6.80 5.53 12.71
C THR A 99 5.62 5.54 11.73
N PRO A 100 4.47 4.93 12.08
CA PRO A 100 3.32 5.03 11.15
C PRO A 100 2.86 6.48 10.99
N LEU A 101 2.52 6.95 9.80
CA LEU A 101 2.42 6.19 8.56
C LEU A 101 3.50 6.57 7.54
N ASP A 102 4.75 6.71 7.98
CA ASP A 102 5.86 7.09 7.10
C ASP A 102 5.99 6.15 5.91
N CYS A 103 6.24 6.73 4.76
CA CYS A 103 6.40 5.99 3.54
C CYS A 103 7.86 6.04 3.12
N VAL A 104 8.36 4.91 2.60
CA VAL A 104 9.73 4.83 2.11
C VAL A 104 9.76 4.26 0.69
N TYR A 105 10.39 4.98 -0.22
CA TYR A 105 10.72 4.47 -1.53
C TYR A 105 12.15 3.95 -1.49
N ILE A 106 12.31 2.64 -1.70
CA ILE A 106 13.64 2.03 -1.79
C ILE A 106 13.97 1.88 -3.27
N ALA A 107 14.92 2.69 -3.74
CA ALA A 107 15.30 2.77 -5.15
C ALA A 107 16.06 1.53 -5.64
N PRO A 108 16.19 1.34 -6.97
CA PRO A 108 16.91 0.18 -7.49
C PRO A 108 18.35 0.07 -6.97
N HIS A 109 18.72 -1.13 -6.51
CA HIS A 109 20.09 -1.48 -6.09
C HIS A 109 20.58 -0.85 -4.78
N ALA A 110 19.71 -0.20 -4.03
CA ALA A 110 20.09 0.31 -2.71
C ALA A 110 20.11 -0.83 -1.70
N TRP A 111 21.17 -0.89 -0.91
CA TRP A 111 21.24 -1.78 0.24
C TRP A 111 20.17 -1.35 1.23
N HIS A 112 19.37 -2.29 1.70
CA HIS A 112 18.32 -1.99 2.67
C HIS A 112 18.16 -3.10 3.70
N GLN A 113 17.78 -2.69 4.91
CA GLN A 113 17.46 -3.60 5.99
C GLN A 113 16.55 -2.80 6.93
N ILE A 114 15.51 -3.44 7.42
CA ILE A 114 14.55 -2.81 8.34
C ILE A 114 14.67 -3.47 9.71
N HIS A 115 14.67 -2.65 10.76
CA HIS A 115 14.85 -3.11 12.14
C HIS A 115 13.67 -2.72 13.00
N ALA A 116 13.18 -3.67 13.80
CA ALA A 116 12.08 -3.39 14.71
C ALA A 116 12.65 -2.79 15.99
N THR A 117 12.36 -1.51 16.22
CA THR A 117 12.80 -0.85 17.45
C THR A 117 11.61 -0.67 18.39
N GLY A 118 11.87 -0.56 19.69
CA GLY A 118 10.78 -0.47 20.68
C GLY A 118 10.64 -1.75 21.48
N ALA A 119 10.19 -1.61 22.73
CA ALA A 119 10.24 -2.68 23.73
C ALA A 119 9.38 -3.91 23.43
N ASN A 120 8.09 -3.70 23.27
CA ASN A 120 7.14 -4.81 23.18
C ASN A 120 6.21 -4.77 21.98
N GLU A 121 6.11 -3.60 21.33
CA GLU A 121 5.26 -3.46 20.15
C GLU A 121 5.98 -3.94 18.90
N PRO A 122 5.41 -4.96 18.21
CA PRO A 122 6.02 -5.40 16.95
C PRO A 122 6.01 -4.31 15.88
N LEU A 123 6.93 -4.41 14.93
CA LEU A 123 6.91 -3.53 13.79
C LEU A 123 6.06 -4.17 12.70
N GLY A 124 5.12 -3.41 12.17
CA GLY A 124 4.29 -3.85 11.07
C GLY A 124 4.37 -2.84 9.93
N PHE A 125 4.57 -3.33 8.72
CA PHE A 125 4.63 -2.44 7.55
C PHE A 125 4.06 -3.04 6.27
N LEU A 126 3.46 -2.19 5.46
CA LEU A 126 3.04 -2.56 4.11
C LEU A 126 4.23 -2.51 3.19
N CYS A 127 4.39 -3.53 2.34
CA CYS A 127 5.46 -3.53 1.36
C CYS A 127 4.89 -3.88 -0.02
N ILE A 128 5.07 -2.98 -0.98
CA ILE A 128 4.57 -3.16 -2.34
C ILE A 128 5.78 -3.34 -3.24
N VAL A 129 5.74 -4.36 -4.09
CA VAL A 129 6.81 -4.67 -5.05
C VAL A 129 6.22 -5.02 -6.42
N ASP A 130 7.02 -4.87 -7.48
CA ASP A 130 6.69 -5.35 -8.82
C ASP A 130 6.47 -6.85 -8.82
N SER A 131 5.47 -7.31 -9.57
CA SER A 131 5.21 -8.74 -9.70
C SER A 131 6.33 -9.43 -10.50
N ASP A 132 6.83 -8.72 -11.50
CA ASP A 132 7.96 -9.18 -12.32
C ASP A 132 9.22 -8.58 -11.68
N ARG A 133 10.03 -9.42 -11.05
CA ARG A 133 11.14 -8.94 -10.23
C ARG A 133 12.31 -9.94 -10.10
N ASP A 134 13.49 -9.39 -9.80
CA ASP A 134 14.73 -10.16 -9.65
C ASP A 134 14.92 -10.69 -8.21
N ARG A 135 15.90 -11.56 -8.04
CA ARG A 135 16.23 -12.14 -6.73
C ARG A 135 17.10 -11.20 -5.91
N PRO A 136 16.88 -11.14 -4.58
CA PRO A 136 17.76 -10.38 -3.69
C PRO A 136 19.21 -10.87 -3.69
N GLN A 137 20.13 -9.92 -3.62
CA GLN A 137 21.56 -10.20 -3.58
C GLN A 137 22.09 -9.80 -2.20
N ARG A 138 22.89 -10.69 -1.59
CA ARG A 138 23.42 -10.44 -0.25
C ARG A 138 24.78 -9.72 -0.31
N PRO A 139 25.18 -9.04 0.77
CA PRO A 139 26.53 -8.45 0.80
C PRO A 139 27.63 -9.49 1.06
N ASP A 140 28.80 -9.27 0.48
CA ASP A 140 29.98 -10.01 0.89
C ASP A 140 30.83 -9.10 1.76
N ALA A 141 32.01 -9.57 2.19
CA ALA A 141 32.93 -8.80 3.05
C ALA A 141 33.29 -7.42 2.51
N ASP A 142 33.44 -7.33 1.20
CA ASP A 142 33.80 -6.08 0.53
C ASP A 142 32.66 -5.07 0.54
N ASP A 143 31.43 -5.56 0.34
CA ASP A 143 30.24 -4.71 0.42
C ASP A 143 30.04 -4.18 1.83
N LEU A 144 30.26 -5.06 2.81
CA LEU A 144 30.08 -4.72 4.22
C LEU A 144 31.09 -3.70 4.71
N ALA A 145 32.36 -3.90 4.35
CA ALA A 145 33.43 -2.95 4.70
C ALA A 145 33.17 -1.56 4.12
N ARG A 146 32.66 -1.55 2.88
CA ARG A 146 32.33 -0.32 2.17
C ARG A 146 31.21 0.45 2.87
N MET A 147 30.14 -0.25 3.25
CA MET A 147 29.00 0.40 3.91
C MET A 147 29.27 0.70 5.39
N CYS A 148 30.25 0.03 5.98
CA CYS A 148 30.66 0.30 7.36
C CYS A 148 31.65 1.47 7.49
N ALA A 149 31.91 2.16 6.38
CA ALA A 149 32.65 3.44 6.38
C ALA A 149 31.84 4.50 7.10
N ASP A 150 30.52 4.39 7.03
CA ASP A 150 29.61 5.22 7.82
C ASP A 150 29.32 4.55 9.16
N PRO A 151 29.73 5.19 10.28
CA PRO A 151 29.64 4.63 11.64
C PRO A 151 28.22 4.33 12.12
N ALA A 152 27.25 5.09 11.61
CA ALA A 152 25.84 4.88 11.93
C ALA A 152 25.35 3.57 11.33
N VAL A 153 25.58 3.40 10.02
CA VAL A 153 25.29 2.15 9.30
C VAL A 153 25.97 0.95 9.93
N ALA A 154 27.25 1.11 10.26
CA ALA A 154 28.07 0.06 10.86
C ALA A 154 27.51 -0.47 12.17
N ARG A 155 26.97 0.42 12.98
CA ARG A 155 26.33 0.03 14.23
C ARG A 155 24.96 -0.60 14.02
N ARG A 156 24.26 -0.16 12.98
CA ARG A 156 22.89 -0.59 12.75
C ARG A 156 22.76 -1.97 12.08
N ILE A 157 23.52 -2.20 11.01
CA ILE A 157 23.38 -3.44 10.24
C ILE A 157 23.54 -4.72 11.07
N ARG A 158 22.79 -5.73 10.68
CA ARG A 158 22.89 -7.07 11.25
CA ARG A 158 22.89 -7.07 11.26
C ARG A 158 23.06 -8.09 10.13
N THR A 159 24.13 -8.88 10.21
CA THR A 159 24.37 -9.94 9.23
C THR A 159 24.52 -11.27 9.94
N GLU A 160 24.31 -12.37 9.22
CA GLU A 160 24.43 -13.71 9.80
C GLU A 160 25.89 -14.16 9.85
N GLY A 161 26.19 -15.02 10.83
CA GLY A 161 27.56 -15.44 11.10
C GLY A 161 28.28 -14.39 11.95
N GLU B 9 -10.87 -13.30 -12.54
CA GLU B 9 -10.44 -12.48 -11.36
C GLU B 9 -11.67 -11.90 -10.66
N ALA B 10 -11.80 -12.19 -9.37
CA ALA B 10 -12.88 -11.62 -8.56
C ALA B 10 -12.32 -10.58 -7.58
N SER B 11 -13.13 -9.58 -7.27
CA SER B 11 -12.76 -8.59 -6.26
C SER B 11 -12.77 -9.22 -4.86
N ARG B 12 -11.86 -8.76 -4.01
CA ARG B 12 -11.73 -9.27 -2.65
C ARG B 12 -11.73 -8.14 -1.63
N VAL B 13 -12.46 -8.35 -0.53
CA VAL B 13 -12.36 -7.51 0.66
C VAL B 13 -11.63 -8.31 1.73
N LEU B 14 -10.53 -7.74 2.21
CA LEU B 14 -9.75 -8.35 3.27
C LEU B 14 -9.78 -7.44 4.48
N ARG B 15 -10.73 -7.70 5.39
CA ARG B 15 -10.82 -6.90 6.60
C ARG B 15 -9.71 -7.28 7.57
N GLU B 16 -9.22 -6.27 8.30
CA GLU B 16 -8.07 -6.42 9.17
C GLU B 16 -8.62 -6.40 10.59
N ARG B 17 -8.14 -7.30 11.43
CA ARG B 17 -8.31 -7.15 12.88
C ARG B 17 -7.05 -7.54 13.61
N ASP B 18 -6.57 -6.62 14.46
CA ASP B 18 -5.30 -6.78 15.18
C ASP B 18 -4.15 -7.15 14.25
N TYR B 19 -4.08 -6.47 13.10
CA TYR B 19 -3.02 -6.66 12.10
C TYR B 19 -2.98 -8.07 11.50
N ARG B 20 -4.17 -8.67 11.41
CA ARG B 20 -4.39 -9.93 10.72
C ARG B 20 -5.48 -9.68 9.70
N TRP B 21 -5.17 -9.89 8.42
CA TRP B 21 -6.13 -9.65 7.35
C TRP B 21 -6.88 -10.94 6.99
N GLU B 22 -8.21 -10.85 6.98
CA GLU B 22 -9.11 -11.97 6.66
C GLU B 22 -8.86 -12.62 5.30
N GLY B 23 -8.68 -13.94 5.31
CA GLY B 23 -8.42 -14.68 4.08
C GLY B 23 -6.95 -14.87 3.75
N THR B 24 -6.07 -14.38 4.63
CA THR B 24 -4.63 -14.54 4.44
C THR B 24 -4.01 -15.47 5.48
N GLU B 25 -2.93 -16.12 5.09
CA GLU B 25 -2.16 -16.95 6.01
CA GLU B 25 -2.15 -16.97 5.98
C GLU B 25 -0.92 -16.20 6.48
N GLU B 26 -0.54 -16.44 7.73
CA GLU B 26 0.67 -15.82 8.27
C GLU B 26 1.84 -16.79 8.15
N GLU B 27 2.76 -16.49 7.24
CA GLU B 27 3.92 -17.35 6.98
C GLU B 27 5.20 -16.75 7.57
N ALA B 28 6.05 -17.61 8.14
CA ALA B 28 7.29 -17.19 8.82
C ALA B 28 8.37 -16.69 7.86
N ARG B 40 -7.42 16.28 -1.23
CA ARG B 40 -7.92 15.15 -2.02
C ARG B 40 -6.81 14.12 -2.26
N ARG B 41 -5.91 14.40 -3.21
CA ARG B 41 -4.89 13.43 -3.63
CA ARG B 41 -4.89 13.44 -3.65
C ARG B 41 -3.48 13.85 -3.24
N GLN B 42 -2.73 12.90 -2.68
CA GLN B 42 -1.29 13.04 -2.44
C GLN B 42 -0.60 11.85 -3.15
N THR B 43 0.09 12.11 -4.25
CA THR B 43 0.85 11.05 -4.92
C THR B 43 2.18 10.86 -4.18
N LEU B 44 2.33 9.72 -3.51
CA LEU B 44 3.50 9.49 -2.68
C LEU B 44 4.69 9.03 -3.53
N VAL B 45 4.47 7.97 -4.32
CA VAL B 45 5.56 7.39 -5.12
C VAL B 45 5.05 7.06 -6.53
N GLY B 46 5.82 7.46 -7.53
CA GLY B 46 5.54 7.10 -8.92
C GLY B 46 6.04 8.17 -9.84
N ARG B 47 5.70 8.04 -11.13
CA ARG B 47 6.07 9.02 -12.16
C ARG B 47 5.80 10.50 -11.79
N PRO B 48 4.56 10.84 -11.33
CA PRO B 48 4.32 12.24 -10.92
C PRO B 48 5.20 12.75 -9.76
N ALA B 49 5.73 11.84 -8.94
CA ALA B 49 6.57 12.24 -7.81
C ALA B 49 8.07 12.09 -8.10
N GLY B 50 8.40 11.67 -9.31
CA GLY B 50 9.80 11.58 -9.76
C GLY B 50 10.41 10.18 -9.84
N GLN B 51 9.58 9.14 -9.75
CA GLN B 51 10.07 7.76 -9.77
C GLN B 51 9.56 7.03 -11.00
N GLU B 52 10.46 6.74 -11.92
CA GLU B 52 10.12 6.03 -13.15
C GLU B 52 10.30 4.51 -13.01
N ALA B 53 11.03 4.09 -11.97
CA ALA B 53 11.37 2.68 -11.79
C ALA B 53 10.25 1.69 -11.40
N PRO B 54 9.35 2.03 -10.45
CA PRO B 54 8.29 1.06 -10.13
C PRO B 54 7.27 0.84 -11.25
N ALA B 55 6.72 -0.36 -11.31
CA ALA B 55 5.62 -0.68 -12.21
C ALA B 55 4.26 -0.26 -11.62
N PHE B 56 4.31 0.43 -10.48
CA PHE B 56 3.12 0.84 -9.76
C PHE B 56 3.25 2.25 -9.19
N GLU B 57 2.11 2.92 -9.05
CA GLU B 57 2.02 4.25 -8.46
C GLU B 57 1.28 4.16 -7.12
N THR B 58 1.74 4.94 -6.13
CA THR B 58 1.25 4.83 -4.75
C THR B 58 0.72 6.20 -4.33
N ARG B 59 -0.59 6.24 -4.09
CA ARG B 59 -1.32 7.48 -3.83
C ARG B 59 -2.06 7.39 -2.52
N TYR B 60 -2.32 8.54 -1.92
CA TYR B 60 -3.24 8.65 -0.79
C TYR B 60 -4.36 9.55 -1.24
N PHE B 61 -5.59 9.13 -0.96
CA PHE B 61 -6.76 9.97 -1.21
C PHE B 61 -7.49 10.27 0.08
N GLU B 62 -7.98 11.49 0.21
CA GLU B 62 -8.79 11.88 1.36
C GLU B 62 -10.10 12.44 0.86
N VAL B 63 -11.20 11.99 1.46
CA VAL B 63 -12.55 12.35 1.04
C VAL B 63 -13.30 12.81 2.28
N GLU B 64 -13.86 14.02 2.21
CA GLU B 64 -14.71 14.58 3.27
C GLU B 64 -15.96 13.71 3.47
N PRO B 65 -16.46 13.61 4.73
CA PRO B 65 -17.66 12.78 5.00
C PRO B 65 -18.85 13.18 4.12
N GLY B 66 -19.54 12.17 3.59
CA GLY B 66 -20.62 12.41 2.62
C GLY B 66 -20.12 12.43 1.19
N GLY B 67 -18.80 12.51 1.00
CA GLY B 67 -18.20 12.58 -0.33
C GLY B 67 -18.01 11.20 -0.94
N TYR B 68 -17.65 11.18 -2.22
CA TYR B 68 -17.52 9.91 -2.96
C TYR B 68 -16.62 10.06 -4.17
N THR B 69 -16.03 8.96 -4.60
CA THR B 69 -15.29 8.92 -5.86
C THR B 69 -16.26 8.70 -7.03
N THR B 70 -15.75 8.72 -8.25
CA THR B 70 -16.61 8.58 -9.42
C THR B 70 -16.90 7.10 -9.63
N LEU B 71 -18.17 6.76 -9.85
CA LEU B 71 -18.57 5.39 -10.18
C LEU B 71 -18.08 5.09 -11.61
N GLU B 72 -17.26 4.06 -11.73
CA GLU B 72 -16.53 3.80 -12.98
C GLU B 72 -16.01 2.38 -13.05
N ARG B 73 -15.52 2.01 -14.23
CA ARG B 73 -14.74 0.79 -14.39
C ARG B 73 -13.60 1.03 -15.40
N HIS B 74 -12.61 0.13 -15.36
CA HIS B 74 -11.43 0.19 -16.23
C HIS B 74 -10.70 -1.14 -16.12
N GLU B 75 -9.78 -1.39 -17.04
CA GLU B 75 -9.06 -2.66 -17.05
C GLU B 75 -8.11 -2.77 -15.87
N HIS B 76 -7.43 -1.67 -15.55
CA HIS B 76 -6.45 -1.68 -14.47
C HIS B 76 -7.10 -1.92 -13.11
N THR B 77 -6.37 -2.61 -12.23
CA THR B 77 -6.91 -3.01 -10.93
C THR B 77 -6.66 -1.93 -9.88
N HIS B 78 -7.31 -2.06 -8.73
CA HIS B 78 -7.00 -1.23 -7.56
C HIS B 78 -6.66 -2.09 -6.38
N VAL B 79 -5.67 -1.63 -5.61
CA VAL B 79 -5.45 -2.13 -4.26
C VAL B 79 -5.54 -0.93 -3.33
N VAL B 80 -6.55 -0.97 -2.48
CA VAL B 80 -6.88 0.11 -1.57
C VAL B 80 -6.65 -0.39 -0.16
N MET B 81 -6.06 0.45 0.69
CA MET B 81 -6.03 0.20 2.13
C MET B 81 -6.59 1.45 2.82
N VAL B 82 -7.68 1.28 3.57
CA VAL B 82 -8.24 2.38 4.35
C VAL B 82 -7.32 2.66 5.52
N VAL B 83 -6.87 3.90 5.67
CA VAL B 83 -6.00 4.26 6.80
C VAL B 83 -6.64 5.28 7.74
N ARG B 84 -7.76 5.86 7.33
CA ARG B 84 -8.42 6.87 8.15
C ARG B 84 -9.92 6.79 7.92
N GLY B 85 -10.69 6.87 9.01
CA GLY B 85 -12.14 7.05 8.90
C GLY B 85 -12.88 5.82 8.43
N HIS B 86 -14.08 6.04 7.88
CA HIS B 86 -14.99 4.96 7.48
C HIS B 86 -15.33 5.06 6.01
N ALA B 87 -15.42 3.91 5.36
CA ALA B 87 -15.86 3.85 3.97
C ALA B 87 -16.96 2.84 3.75
N GLU B 88 -17.71 3.05 2.68
CA GLU B 88 -18.46 1.96 2.05
C GLU B 88 -18.04 1.92 0.60
N VAL B 89 -17.62 0.75 0.13
CA VAL B 89 -17.27 0.56 -1.28
C VAL B 89 -18.30 -0.24 -2.05
N VAL B 90 -18.73 0.32 -3.18
CA VAL B 90 -19.54 -0.41 -4.15
C VAL B 90 -18.60 -1.26 -5.01
N LEU B 91 -18.80 -2.56 -4.99
CA LEU B 91 -18.02 -3.50 -5.80
C LEU B 91 -19.00 -4.35 -6.58
N ASP B 92 -19.18 -3.99 -7.85
CA ASP B 92 -20.24 -4.54 -8.70
C ASP B 92 -21.57 -4.56 -7.96
N ASP B 93 -22.03 -5.75 -7.57
CA ASP B 93 -23.34 -5.94 -6.98
C ASP B 93 -23.33 -5.98 -5.44
N ARG B 94 -22.22 -5.51 -4.85
CA ARG B 94 -22.03 -5.54 -3.40
C ARG B 94 -21.63 -4.19 -2.83
N VAL B 95 -22.16 -3.87 -1.65
CA VAL B 95 -21.71 -2.68 -0.89
C VAL B 95 -21.03 -3.16 0.39
N GLU B 96 -19.77 -2.78 0.56
CA GLU B 96 -18.95 -3.26 1.67
C GLU B 96 -18.47 -2.13 2.56
N PRO B 97 -18.83 -2.18 3.86
CA PRO B 97 -18.30 -1.21 4.84
C PRO B 97 -16.83 -1.50 5.19
N LEU B 98 -16.03 -0.43 5.29
CA LEU B 98 -14.60 -0.55 5.60
C LEU B 98 -14.14 0.42 6.70
N THR B 99 -13.12 -0.01 7.45
CA THR B 99 -12.44 0.82 8.45
C THR B 99 -10.95 0.50 8.33
N PRO B 100 -10.04 1.33 8.90
CA PRO B 100 -8.61 0.97 8.86
C PRO B 100 -8.32 -0.31 9.65
N LEU B 101 -7.50 -1.23 9.15
CA LEU B 101 -6.71 -1.09 7.93
C LEU B 101 -7.17 -2.10 6.86
N ASP B 102 -8.48 -2.11 6.59
CA ASP B 102 -9.07 -3.04 5.63
C ASP B 102 -8.49 -2.84 4.24
N CYS B 103 -8.29 -3.95 3.55
CA CYS B 103 -7.71 -3.93 2.20
C CYS B 103 -8.79 -4.39 1.20
N VAL B 104 -8.82 -3.74 0.04
CA VAL B 104 -9.73 -4.11 -1.02
C VAL B 104 -8.95 -4.29 -2.31
N TYR B 105 -9.10 -5.46 -2.93
CA TYR B 105 -8.68 -5.69 -4.31
C TYR B 105 -9.85 -5.44 -5.25
N ILE B 106 -9.73 -4.43 -6.10
CA ILE B 106 -10.74 -4.17 -7.11
C ILE B 106 -10.28 -4.78 -8.43
N ALA B 107 -10.96 -5.84 -8.84
CA ALA B 107 -10.59 -6.66 -10.00
C ALA B 107 -10.77 -5.90 -11.32
N PRO B 108 -10.21 -6.43 -12.44
CA PRO B 108 -10.37 -5.70 -13.70
C PRO B 108 -11.84 -5.59 -14.10
N HIS B 109 -12.23 -4.40 -14.56
CA HIS B 109 -13.60 -4.12 -15.08
C HIS B 109 -14.73 -4.16 -14.04
N ALA B 110 -14.40 -4.27 -12.75
CA ALA B 110 -15.42 -4.22 -11.72
C ALA B 110 -15.87 -2.76 -11.55
N TRP B 111 -17.18 -2.54 -11.54
CA TRP B 111 -17.72 -1.22 -11.20
C TRP B 111 -17.35 -0.91 -9.78
N HIS B 112 -16.86 0.31 -9.55
CA HIS B 112 -16.48 0.70 -8.20
C HIS B 112 -16.73 2.15 -7.88
N GLN B 113 -16.98 2.41 -6.61
CA GLN B 113 -17.16 3.74 -6.06
C GLN B 113 -16.91 3.64 -4.57
N ILE B 114 -16.12 4.58 -4.04
CA ILE B 114 -15.85 4.62 -2.61
C ILE B 114 -16.56 5.83 -2.00
N HIS B 115 -17.23 5.59 -0.88
CA HIS B 115 -17.99 6.64 -0.19
C HIS B 115 -17.44 6.85 1.21
N ALA B 116 -17.30 8.12 1.59
CA ALA B 116 -16.89 8.49 2.95
C ALA B 116 -18.12 8.51 3.85
N THR B 117 -18.20 7.55 4.77
CA THR B 117 -19.42 7.32 5.51
C THR B 117 -19.35 7.68 6.99
N GLY B 118 -18.24 8.24 7.44
CA GLY B 118 -18.11 8.62 8.85
C GLY B 118 -18.88 9.88 9.18
N ALA B 119 -19.06 10.16 10.47
CA ALA B 119 -19.79 11.35 10.89
C ALA B 119 -18.97 12.64 10.67
N ASN B 120 -17.76 12.67 11.23
CA ASN B 120 -16.92 13.88 11.22
C ASN B 120 -15.53 13.64 10.67
N GLU B 121 -15.04 12.41 10.81
CA GLU B 121 -13.68 12.05 10.41
C GLU B 121 -13.68 11.77 8.91
N PRO B 122 -12.80 12.48 8.16
CA PRO B 122 -12.65 12.23 6.73
C PRO B 122 -12.16 10.81 6.45
N LEU B 123 -12.57 10.27 5.31
CA LEU B 123 -12.02 9.00 4.85
C LEU B 123 -10.62 9.24 4.27
N GLY B 124 -9.65 8.42 4.67
CA GLY B 124 -8.35 8.43 4.02
C GLY B 124 -7.98 7.03 3.59
N PHE B 125 -7.47 6.88 2.39
CA PHE B 125 -7.05 5.54 1.94
C PHE B 125 -5.86 5.59 1.02
N LEU B 126 -5.00 4.59 1.15
CA LEU B 126 -3.95 4.35 0.16
C LEU B 126 -4.59 3.73 -1.07
N CYS B 127 -4.14 4.15 -2.26
CA CYS B 127 -4.58 3.53 -3.50
C CYS B 127 -3.36 3.22 -4.37
N ILE B 128 -3.18 1.93 -4.69
CA ILE B 128 -2.08 1.47 -5.53
C ILE B 128 -2.59 0.97 -6.88
N VAL B 129 -1.98 1.48 -7.95
CA VAL B 129 -2.36 1.13 -9.34
C VAL B 129 -1.14 0.89 -10.20
N ASP B 130 -1.30 0.19 -11.33
CA ASP B 130 -0.22 0.04 -12.32
C ASP B 130 0.23 1.40 -12.84
N SER B 131 1.54 1.54 -13.06
CA SER B 131 2.09 2.75 -13.66
C SER B 131 1.54 2.96 -15.07
N ASP B 132 1.41 1.88 -15.83
CA ASP B 132 0.76 1.91 -17.13
C ASP B 132 -0.65 1.38 -17.03
N ARG B 133 -1.62 2.28 -17.23
CA ARG B 133 -3.02 1.96 -17.00
C ARG B 133 -3.96 2.70 -17.96
N ASP B 134 -5.14 2.09 -18.19
CA ASP B 134 -6.15 2.65 -19.09
C ASP B 134 -7.04 3.69 -18.42
N ARG B 135 -7.90 4.31 -19.22
CA ARG B 135 -8.80 5.37 -18.78
C ARG B 135 -10.10 4.84 -18.18
N PRO B 136 -10.68 5.57 -17.19
CA PRO B 136 -11.96 5.14 -16.61
C PRO B 136 -13.11 5.19 -17.60
N GLN B 137 -14.07 4.28 -17.42
CA GLN B 137 -15.29 4.25 -18.22
C GLN B 137 -16.50 4.45 -17.33
N ARG B 138 -17.40 5.35 -17.73
CA ARG B 138 -18.60 5.68 -16.95
C ARG B 138 -19.76 4.74 -17.29
N PRO B 139 -20.67 4.47 -16.33
CA PRO B 139 -21.85 3.64 -16.65
C PRO B 139 -22.88 4.39 -17.51
N ASP B 140 -23.57 3.64 -18.37
CA ASP B 140 -24.72 4.20 -19.11
C ASP B 140 -26.04 3.78 -18.46
N ALA B 141 -27.15 4.06 -19.15
CA ALA B 141 -28.49 3.81 -18.63
C ALA B 141 -28.76 2.34 -18.34
N ASP B 142 -28.30 1.47 -19.24
CA ASP B 142 -28.44 0.03 -19.07
C ASP B 142 -27.50 -0.51 -18.00
N ASP B 143 -26.28 0.01 -17.94
CA ASP B 143 -25.35 -0.28 -16.84
C ASP B 143 -25.96 0.06 -15.50
N LEU B 144 -26.56 1.25 -15.41
CA LEU B 144 -27.20 1.72 -14.18
C LEU B 144 -28.43 0.90 -13.81
N ALA B 145 -29.31 0.66 -14.78
CA ALA B 145 -30.53 -0.11 -14.56
C ALA B 145 -30.25 -1.53 -14.08
N ARG B 146 -29.28 -2.20 -14.72
CA ARG B 146 -28.84 -3.54 -14.32
C ARG B 146 -28.27 -3.59 -12.91
N MET B 147 -27.39 -2.64 -12.57
CA MET B 147 -26.74 -2.66 -11.27
C MET B 147 -27.68 -2.20 -10.13
N CYS B 148 -28.72 -1.44 -10.47
CA CYS B 148 -29.71 -1.01 -9.48
C CYS B 148 -30.82 -2.02 -9.24
N ALA B 149 -30.74 -3.18 -9.90
CA ALA B 149 -31.61 -4.33 -9.58
C ALA B 149 -31.34 -4.87 -8.17
N ASP B 150 -30.16 -4.54 -7.65
CA ASP B 150 -29.83 -4.76 -6.25
C ASP B 150 -30.20 -3.51 -5.46
N PRO B 151 -31.03 -3.67 -4.40
CA PRO B 151 -31.48 -2.53 -3.59
C PRO B 151 -30.39 -1.82 -2.77
N ALA B 152 -29.41 -2.57 -2.28
CA ALA B 152 -28.30 -1.99 -1.53
C ALA B 152 -27.40 -1.13 -2.43
N VAL B 153 -27.14 -1.62 -3.64
CA VAL B 153 -26.34 -0.90 -4.62
C VAL B 153 -27.06 0.37 -5.09
N ALA B 154 -28.34 0.25 -5.39
CA ALA B 154 -29.18 1.39 -5.79
C ALA B 154 -29.21 2.49 -4.74
N ARG B 155 -29.20 2.09 -3.46
CA ARG B 155 -29.26 3.03 -2.35
C ARG B 155 -27.93 3.78 -2.13
N ARG B 156 -26.81 3.12 -2.42
CA ARG B 156 -25.49 3.70 -2.14
C ARG B 156 -24.92 4.49 -3.32
N ILE B 157 -25.07 3.99 -4.55
CA ILE B 157 -24.43 4.65 -5.70
C ILE B 157 -24.88 6.09 -5.92
N ARG B 158 -23.95 6.92 -6.35
CA ARG B 158 -24.23 8.31 -6.62
C ARG B 158 -23.68 8.66 -7.99
N THR B 159 -24.58 9.06 -8.88
CA THR B 159 -24.23 9.77 -10.11
C THR B 159 -25.07 11.05 -10.08
N GLU B 160 -24.97 11.88 -11.12
CA GLU B 160 -25.75 13.13 -11.13
C GLU B 160 -27.24 12.91 -11.46
N GLY B 161 -27.53 11.84 -12.18
CA GLY B 161 -28.90 11.44 -12.50
C GLY B 161 -29.46 10.40 -11.54
N HIS B 162 -28.60 9.84 -10.70
CA HIS B 162 -29.04 8.88 -9.69
C HIS B 162 -28.64 9.29 -8.26
N HIS B 163 -29.65 9.64 -7.48
CA HIS B 163 -29.51 9.67 -6.03
C HIS B 163 -30.66 8.82 -5.46
N HIS B 164 -30.83 8.83 -4.14
CA HIS B 164 -31.92 8.14 -3.46
C HIS B 164 -33.32 8.48 -4.01
N HIS B 165 -34.23 7.49 -3.95
CA HIS B 165 -35.53 7.46 -4.66
C HIS B 165 -35.37 7.32 -6.18
ZN ZN C . 14.26 -5.97 -0.63
K K D . 4.72 9.45 11.38
ZN ZN E . -10.87 3.27 -10.43
K K F . -10.56 -2.95 10.52
C1 GOL G . -7.20 7.30 -10.65
O1 GOL G . -8.21 8.27 -10.82
C2 GOL G . -6.91 6.57 -11.96
O2 GOL G . -6.44 5.27 -11.68
C3 GOL G . -5.89 7.37 -12.78
O3 GOL G . -4.95 7.97 -11.92
#